data_3L00
#
_entry.id   3L00
#
_cell.length_a   77.770
_cell.length_b   77.770
_cell.length_c   64.880
_cell.angle_alpha   90.00
_cell.angle_beta   90.00
_cell.angle_gamma   90.00
#
_symmetry.space_group_name_H-M   'P 43 2 2'
#
loop_
_entity.id
_entity.type
_entity.pdbx_description
1 polymer SNAP-tag
2 non-polymer 'ZINC ION'
3 water water
#
_entity_poly.entity_id   1
_entity_poly.type   'polypeptide(L)'
_entity_poly.pdbx_seq_one_letter_code
;GPGSDKDCEMKRTTLDSPLGKLELSGCEQGLHEIIFLGKGTSAADAVEVPAPAAVLGGPEPLMQATAWLNAYFHQPEAIE
EFPVPALHHPVFQQESFTRQVLWKLLKVVKFGEVISYSHLAALAGNPAATAAVKTALSGNPVPILIP(BCS)HRVVQGDL
DVGGYEGGLAVKEWLLAHEGHRLGKR
;
_entity_poly.pdbx_strand_id   A
#
loop_
_chem_comp.id
_chem_comp.type
_chem_comp.name
_chem_comp.formula
ZN non-polymer 'ZINC ION' 'Zn 2'
#
# COMPACT_ATOMS: atom_id res chain seq x y z
N CYS A 8 -22.06 -3.55 -0.63
CA CYS A 8 -21.82 -2.08 -0.49
C CYS A 8 -22.32 -1.31 -1.71
N GLU A 9 -22.77 -0.09 -1.48
CA GLU A 9 -23.07 0.85 -2.56
C GLU A 9 -21.76 1.54 -3.03
N MET A 10 -21.25 1.09 -4.17
CA MET A 10 -19.93 1.48 -4.67
C MET A 10 -19.91 2.74 -5.55
N LYS A 11 -18.82 3.50 -5.45
CA LYS A 11 -18.57 4.67 -6.28
C LYS A 11 -17.14 4.56 -6.83
N ARG A 12 -16.93 4.98 -8.08
CA ARG A 12 -15.60 4.91 -8.70
C ARG A 12 -15.07 6.24 -9.23
N THR A 13 -13.76 6.39 -9.18
CA THR A 13 -13.10 7.56 -9.74
C THR A 13 -11.77 7.11 -10.30
N THR A 14 -11.24 7.89 -11.25
CA THR A 14 -9.93 7.56 -11.81
C THR A 14 -8.95 8.70 -11.57
N LEU A 15 -7.67 8.35 -11.50
CA LEU A 15 -6.64 9.33 -11.27
C LEU A 15 -5.48 9.04 -12.21
N ASP A 16 -5.04 10.06 -12.94
CA ASP A 16 -3.81 9.97 -13.72
C ASP A 16 -2.61 9.93 -12.78
N SER A 17 -1.60 9.16 -13.15
CA SER A 17 -0.42 9.03 -12.31
C SER A 17 0.77 8.70 -13.20
N PRO A 18 1.99 8.90 -12.69
CA PRO A 18 3.17 8.50 -13.45
C PRO A 18 3.17 7.02 -13.81
N LEU A 19 2.35 6.23 -13.12
CA LEU A 19 2.29 4.78 -13.37
C LEU A 19 1.08 4.38 -14.22
N GLY A 20 0.47 5.36 -14.88
CA GLY A 20 -0.74 5.15 -15.66
C GLY A 20 -1.99 5.45 -14.87
N LYS A 21 -3.15 5.14 -15.46
CA LYS A 21 -4.43 5.39 -14.81
C LYS A 21 -4.73 4.42 -13.67
N LEU A 22 -5.19 5.00 -12.57
CA LEU A 22 -5.58 4.28 -11.38
C LEU A 22 -7.07 4.39 -11.18
N GLU A 23 -7.74 3.25 -11.04
CA GLU A 23 -9.17 3.21 -10.75
C GLU A 23 -9.37 2.93 -9.26
N LEU A 24 -10.06 3.84 -8.60
CA LEU A 24 -10.33 3.73 -7.17
C LEU A 24 -11.79 3.41 -6.97
N SER A 25 -12.07 2.46 -6.08
CA SER A 25 -13.45 2.11 -5.77
C SER A 25 -13.68 2.10 -4.26
N GLY A 26 -14.88 2.48 -3.86
CA GLY A 26 -15.16 2.58 -2.44
C GLY A 26 -16.64 2.77 -2.19
N CYS A 27 -17.02 2.57 -0.94
CA CYS A 27 -18.38 2.88 -0.49
C CYS A 27 -18.30 3.97 0.58
N GLU A 28 -19.44 4.30 1.20
CA GLU A 28 -19.45 5.34 2.24
C GLU A 28 -18.70 4.94 3.52
N GLN A 29 -18.46 3.64 3.69
CA GLN A 29 -17.73 3.16 4.86
C GLN A 29 -16.21 3.06 4.62
N GLY A 30 -15.79 3.19 3.37
CA GLY A 30 -14.35 3.15 3.10
C GLY A 30 -13.92 2.82 1.69
N LEU A 31 -12.67 3.14 1.40
CA LEU A 31 -12.05 2.69 0.16
C LEU A 31 -11.99 1.15 0.10
N HIS A 32 -12.32 0.60 -1.07
CA HIS A 32 -12.22 -0.84 -1.31
C HIS A 32 -10.97 -1.25 -2.07
N GLU A 33 -10.74 -0.65 -3.24
CA GLU A 33 -9.66 -1.07 -4.13
C GLU A 33 -8.98 0.09 -4.83
N ILE A 34 -7.68 -0.09 -5.08
CA ILE A 34 -6.92 0.77 -5.98
C ILE A 34 -6.40 -0.18 -7.05
N ILE A 35 -6.84 0.02 -8.29
CA ILE A 35 -6.50 -0.87 -9.41
C ILE A 35 -5.66 -0.15 -10.44
N PHE A 36 -4.60 -0.79 -10.89
CA PHE A 36 -3.72 -0.22 -11.91
C PHE A 36 -4.22 -0.69 -13.27
N LEU A 37 -4.84 0.22 -14.01
CA LEU A 37 -5.41 -0.08 -15.32
C LEU A 37 -4.36 -0.19 -16.44
N GLY A 38 -3.20 0.42 -16.20
CA GLY A 38 -2.15 0.53 -17.22
C GLY A 38 -2.41 1.67 -18.19
N GLY A 57 -12.84 17.00 -3.68
CA GLY A 57 -11.98 16.36 -2.69
C GLY A 57 -12.25 16.72 -1.23
N GLY A 58 -13.31 16.14 -0.66
CA GLY A 58 -13.67 16.39 0.73
C GLY A 58 -13.57 15.22 1.69
N PRO A 59 -14.68 14.90 2.39
CA PRO A 59 -14.68 13.97 3.52
C PRO A 59 -14.94 12.48 3.24
N GLU A 60 -15.50 12.13 2.08
CA GLU A 60 -15.80 10.74 1.82
C GLU A 60 -14.49 9.97 1.59
N PRO A 61 -14.48 8.67 1.91
CA PRO A 61 -13.24 7.89 1.81
C PRO A 61 -12.61 7.92 0.41
N LEU A 62 -13.45 7.89 -0.61
CA LEU A 62 -12.98 7.90 -1.98
C LEU A 62 -12.25 9.19 -2.35
N MET A 63 -12.75 10.33 -1.87
CA MET A 63 -12.10 11.61 -2.12
C MET A 63 -10.80 11.75 -1.33
N GLN A 64 -10.80 11.23 -0.10
CA GLN A 64 -9.58 11.22 0.70
C GLN A 64 -8.51 10.34 0.05
N ALA A 65 -8.92 9.19 -0.50
CA ALA A 65 -8.00 8.31 -1.21
C ALA A 65 -7.38 9.00 -2.43
N THR A 66 -8.20 9.70 -3.20
CA THR A 66 -7.72 10.37 -4.42
C THR A 66 -6.72 11.45 -4.05
N ALA A 67 -7.05 12.22 -3.01
CA ALA A 67 -6.18 13.31 -2.56
C ALA A 67 -4.87 12.73 -2.03
N TRP A 68 -4.95 11.62 -1.29
CA TRP A 68 -3.77 10.95 -0.74
C TRP A 68 -2.85 10.48 -1.88
N LEU A 69 -3.41 9.78 -2.86
CA LEU A 69 -2.58 9.28 -3.97
C LEU A 69 -2.02 10.40 -4.81
N ASN A 70 -2.81 11.45 -5.03
CA ASN A 70 -2.28 12.59 -5.75
C ASN A 70 -1.09 13.22 -5.02
N ALA A 71 -1.20 13.38 -3.70
CA ALA A 71 -0.10 13.90 -2.89
C ALA A 71 1.11 12.96 -2.94
N TYR A 72 0.86 11.66 -2.91
CA TYR A 72 1.94 10.68 -2.94
C TYR A 72 2.82 10.92 -4.15
N PHE A 73 2.18 11.12 -5.30
CA PHE A 73 2.94 11.34 -6.54
C PHE A 73 3.45 12.75 -6.73
N HIS A 74 2.63 13.74 -6.36
CA HIS A 74 2.86 15.12 -6.78
C HIS A 74 3.27 16.12 -5.68
N GLN A 75 3.09 15.74 -4.42
CA GLN A 75 3.46 16.55 -3.27
C GLN A 75 3.99 15.63 -2.16
N PRO A 76 4.95 14.75 -2.52
CA PRO A 76 5.32 13.69 -1.56
C PRO A 76 5.83 14.20 -0.20
N GLU A 77 6.39 15.40 -0.19
CA GLU A 77 6.88 16.01 1.04
C GLU A 77 5.76 16.26 2.07
N ALA A 78 4.52 16.36 1.61
CA ALA A 78 3.38 16.62 2.47
C ALA A 78 2.57 15.35 2.79
N ILE A 79 3.05 14.19 2.36
CA ILE A 79 2.21 12.98 2.40
C ILE A 79 1.65 12.64 3.80
N GLU A 80 2.43 12.92 4.85
CA GLU A 80 1.99 12.61 6.22
CA GLU A 80 1.99 12.64 6.24
C GLU A 80 0.84 13.54 6.68
N GLU A 81 0.65 14.65 5.96
CA GLU A 81 -0.41 15.60 6.33
CA GLU A 81 -0.41 15.62 6.27
C GLU A 81 -1.79 15.16 5.81
N PHE A 82 -1.81 14.29 4.81
CA PHE A 82 -3.04 13.86 4.18
C PHE A 82 -3.69 12.72 4.94
N PRO A 83 -5.00 12.85 5.27
CA PRO A 83 -5.72 11.79 5.98
C PRO A 83 -5.71 10.48 5.20
N VAL A 84 -5.45 9.37 5.89
CA VAL A 84 -5.57 8.06 5.27
C VAL A 84 -7.05 7.69 5.27
N PRO A 85 -7.59 7.27 4.12
CA PRO A 85 -9.01 6.92 4.07
C PRO A 85 -9.36 5.69 4.87
N ALA A 86 -10.60 5.63 5.37
CA ALA A 86 -11.13 4.41 5.95
C ALA A 86 -11.11 3.34 4.87
N LEU A 87 -10.87 2.10 5.28
CA LEU A 87 -10.78 0.98 4.34
C LEU A 87 -11.92 0.01 4.60
N HIS A 88 -12.59 -0.43 3.54
CA HIS A 88 -13.73 -1.32 3.67
C HIS A 88 -13.79 -2.53 2.75
N HIS A 89 -12.70 -2.84 2.06
CA HIS A 89 -12.62 -4.15 1.38
C HIS A 89 -12.92 -5.24 2.43
N PRO A 90 -13.59 -6.33 2.03
CA PRO A 90 -13.88 -7.41 2.98
C PRO A 90 -12.66 -7.92 3.81
N VAL A 91 -11.46 -7.83 3.27
CA VAL A 91 -10.29 -8.29 4.03
C VAL A 91 -10.08 -7.45 5.31
N PHE A 92 -10.63 -6.24 5.33
CA PHE A 92 -10.50 -5.36 6.50
C PHE A 92 -11.68 -5.47 7.46
N GLN A 93 -12.70 -6.24 7.07
CA GLN A 93 -13.96 -6.30 7.85
C GLN A 93 -13.94 -7.33 8.98
N GLN A 94 -12.96 -8.25 8.93
CA GLN A 94 -12.87 -9.34 9.94
C GLN A 94 -11.44 -9.57 10.41
N GLU A 95 -11.24 -9.99 11.66
CA GLU A 95 -9.88 -10.19 12.15
C GLU A 95 -9.25 -11.40 11.45
N SER A 96 -8.00 -11.23 11.03
CA SER A 96 -7.19 -12.31 10.45
C SER A 96 -5.75 -11.89 10.47
N PHE A 97 -4.84 -12.85 10.31
CA PHE A 97 -3.42 -12.54 10.19
C PHE A 97 -3.18 -11.66 8.96
N THR A 98 -3.92 -11.94 7.88
CA THR A 98 -3.83 -11.09 6.68
C THR A 98 -4.17 -9.65 6.98
N ARG A 99 -5.26 -9.43 7.72
CA ARG A 99 -5.62 -8.07 8.08
C ARG A 99 -4.50 -7.45 8.94
N GLN A 100 -3.93 -8.24 9.84
CA GLN A 100 -2.84 -7.72 10.67
C GLN A 100 -1.62 -7.32 9.84
N VAL A 101 -1.29 -8.13 8.84
CA VAL A 101 -0.16 -7.83 7.95
C VAL A 101 -0.37 -6.49 7.26
N LEU A 102 -1.58 -6.33 6.71
CA LEU A 102 -1.88 -5.12 5.94
C LEU A 102 -1.97 -3.90 6.84
N TRP A 103 -2.66 -4.02 7.99
CA TRP A 103 -2.77 -2.90 8.92
C TRP A 103 -1.40 -2.51 9.51
N LYS A 104 -0.60 -3.50 9.91
CA LYS A 104 0.69 -3.17 10.53
C LYS A 104 1.61 -2.52 9.50
N LEU A 105 1.57 -3.01 8.26
CA LEU A 105 2.36 -2.43 7.18
C LEU A 105 1.99 -0.97 6.98
N LEU A 106 0.68 -0.72 6.90
CA LEU A 106 0.17 0.64 6.78
C LEU A 106 0.61 1.55 7.92
N LYS A 107 0.48 1.07 9.15
CA LYS A 107 0.78 1.83 10.37
CA LYS A 107 0.76 1.93 10.31
C LYS A 107 2.26 2.17 10.51
N VAL A 108 3.10 1.21 10.17
CA VAL A 108 4.50 1.24 10.58
C VAL A 108 5.53 1.63 9.53
N VAL A 109 5.35 1.18 8.29
CA VAL A 109 6.43 1.31 7.30
C VAL A 109 6.20 2.54 6.45
N LYS A 110 7.02 3.56 6.72
CA LYS A 110 6.77 4.90 6.20
C LYS A 110 7.43 5.15 4.85
N PHE A 111 7.04 6.25 4.21
CA PHE A 111 7.70 6.72 3.00
C PHE A 111 9.22 6.75 3.17
N GLY A 112 9.91 6.09 2.23
CA GLY A 112 11.37 6.03 2.22
C GLY A 112 11.99 4.92 3.06
N GLU A 113 11.16 4.07 3.65
CA GLU A 113 11.62 2.90 4.44
C GLU A 113 11.28 1.60 3.73
N VAL A 114 12.00 0.53 4.08
CA VAL A 114 11.56 -0.83 3.72
C VAL A 114 11.56 -1.69 4.99
N ILE A 115 10.92 -2.87 4.87
CA ILE A 115 10.93 -3.88 5.95
C ILE A 115 11.01 -5.23 5.26
N SER A 116 11.65 -6.22 5.88
CA SER A 116 11.68 -7.54 5.25
C SER A 116 10.37 -8.29 5.44
N TYR A 117 10.08 -9.25 4.55
CA TYR A 117 8.90 -10.11 4.74
C TYR A 117 8.94 -10.74 6.13
N SER A 118 10.12 -11.19 6.53
CA SER A 118 10.27 -11.87 7.80
CA SER A 118 10.24 -11.87 7.81
C SER A 118 9.97 -10.95 9.00
N HIS A 119 10.50 -9.72 8.97
CA HIS A 119 10.22 -8.84 10.07
C HIS A 119 8.77 -8.40 10.08
N LEU A 120 8.15 -8.27 8.91
CA LEU A 120 6.73 -7.93 8.86
C LEU A 120 5.91 -9.07 9.45
N ALA A 121 6.31 -10.31 9.16
CA ALA A 121 5.64 -11.48 9.76
C ALA A 121 5.61 -11.34 11.29
N ALA A 122 6.76 -11.00 11.85
CA ALA A 122 6.88 -10.82 13.31
C ALA A 122 6.01 -9.69 13.81
N LEU A 123 6.05 -8.55 13.10
CA LEU A 123 5.22 -7.41 13.43
CA LEU A 123 5.20 -7.40 13.42
C LEU A 123 3.73 -7.79 13.49
N ALA A 124 3.31 -8.68 12.59
CA ALA A 124 1.90 -9.08 12.46
C ALA A 124 1.53 -10.21 13.41
N GLY A 125 2.50 -10.67 14.21
CA GLY A 125 2.23 -11.63 15.28
C GLY A 125 2.60 -13.08 15.01
N ASN A 126 3.32 -13.33 13.92
CA ASN A 126 3.74 -14.71 13.58
C ASN A 126 5.15 -14.71 12.98
N PRO A 127 6.18 -14.65 13.83
CA PRO A 127 7.57 -14.53 13.39
C PRO A 127 8.01 -15.58 12.34
N ALA A 128 7.46 -16.79 12.36
CA ALA A 128 7.99 -17.75 11.37
C ALA A 128 7.46 -17.57 9.93
N ALA A 129 6.43 -16.73 9.77
CA ALA A 129 5.50 -16.91 8.65
C ALA A 129 5.78 -16.07 7.41
N THR A 130 6.99 -16.13 6.88
CA THR A 130 7.35 -15.36 5.69
C THR A 130 6.48 -15.71 4.47
N ALA A 131 6.29 -17.00 4.21
CA ALA A 131 5.47 -17.40 3.04
C ALA A 131 4.03 -16.90 3.20
N ALA A 132 3.48 -17.03 4.40
CA ALA A 132 2.13 -16.49 4.65
C ALA A 132 2.06 -14.98 4.47
N VAL A 133 3.12 -14.25 4.84
CA VAL A 133 3.11 -12.79 4.60
C VAL A 133 3.10 -12.49 3.11
N LYS A 134 3.89 -13.23 2.34
CA LYS A 134 3.91 -13.00 0.90
C LYS A 134 2.52 -13.20 0.29
N THR A 135 1.85 -14.27 0.71
CA THR A 135 0.48 -14.52 0.22
C THR A 135 -0.48 -13.42 0.67
N ALA A 136 -0.38 -12.99 1.92
CA ALA A 136 -1.22 -11.86 2.41
C ALA A 136 -1.02 -10.60 1.57
N LEU A 137 0.25 -10.25 1.31
CA LEU A 137 0.54 -9.08 0.51
C LEU A 137 -0.01 -9.19 -0.90
N SER A 138 0.00 -10.41 -1.47
CA SER A 138 -0.54 -10.59 -2.83
C SER A 138 -2.03 -10.24 -2.88
N GLY A 139 -2.70 -10.35 -1.73
CA GLY A 139 -4.13 -10.03 -1.58
C GLY A 139 -4.40 -8.58 -1.19
N ASN A 140 -3.37 -7.73 -1.13
CA ASN A 140 -3.57 -6.32 -0.76
C ASN A 140 -4.46 -5.63 -1.82
N PRO A 141 -5.64 -5.13 -1.40
CA PRO A 141 -6.54 -4.52 -2.41
C PRO A 141 -6.22 -3.05 -2.69
N VAL A 142 -5.33 -2.47 -1.87
CA VAL A 142 -5.02 -1.03 -1.97
C VAL A 142 -3.48 -0.79 -1.97
N PRO A 143 -2.81 -1.22 -3.05
CA PRO A 143 -1.37 -0.95 -3.17
C PRO A 143 -1.01 0.54 -3.12
N ILE A 144 0.26 0.76 -2.84
CA ILE A 144 0.86 2.08 -2.56
C ILE A 144 0.37 2.65 -1.23
N LEU A 145 -0.94 2.91 -1.10
CA LEU A 145 -1.51 3.33 0.20
C LEU A 145 -1.14 2.35 1.31
N ILE A 146 -1.36 1.07 1.05
CA ILE A 146 -0.76 0.06 1.91
C ILE A 146 0.46 -0.42 1.15
N PRO A 147 1.65 -0.08 1.66
CA PRO A 147 2.85 -0.13 0.81
C PRO A 147 3.50 -1.51 0.72
N BCS A 148 2.85 -2.44 0.01
CA BCS A 148 3.47 -3.74 -0.25
CB BCS A 148 2.51 -4.79 -0.86
SG BCS A 148 1.69 -4.14 -2.28
CD BCS A 148 1.22 -5.74 -2.96
CE BCS A 148 0.40 -5.61 -4.24
CZ1 BCS A 148 -0.79 -6.34 -4.38
CZ2 BCS A 148 0.83 -4.80 -5.29
CT1 BCS A 148 -1.53 -6.24 -5.56
CT2 BCS A 148 0.09 -4.68 -6.48
CH BCS A 148 -1.10 -5.42 -6.61
C BCS A 148 4.78 -3.59 -1.03
O BCS A 148 5.64 -4.49 -0.97
N HIS A 149 4.95 -2.46 -1.73
CA HIS A 149 6.21 -2.18 -2.43
C HIS A 149 7.40 -1.91 -1.50
N ARG A 150 7.12 -1.64 -0.22
CA ARG A 150 8.18 -1.38 0.77
C ARG A 150 8.58 -2.65 1.51
N VAL A 151 8.02 -3.80 1.14
CA VAL A 151 8.37 -5.05 1.82
C VAL A 151 9.30 -5.80 0.89
N VAL A 152 10.48 -6.11 1.40
CA VAL A 152 11.56 -6.65 0.58
C VAL A 152 12.03 -8.00 1.13
N GLN A 153 12.79 -8.73 0.33
CA GLN A 153 13.31 -10.01 0.81
C GLN A 153 14.39 -9.83 1.88
N GLY A 154 15.28 -8.88 1.66
CA GLY A 154 16.38 -8.65 2.62
C GLY A 154 17.17 -7.44 2.18
N ASP A 155 18.27 -7.19 2.89
CA ASP A 155 18.98 -5.92 2.72
C ASP A 155 19.39 -5.64 1.29
N LEU A 156 19.78 -6.69 0.57
CA LEU A 156 20.28 -6.53 -0.80
C LEU A 156 19.39 -7.21 -1.82
N ASP A 157 18.18 -7.57 -1.42
CA ASP A 157 17.28 -8.28 -2.33
C ASP A 157 15.90 -7.66 -2.21
N VAL A 158 15.56 -6.84 -3.19
CA VAL A 158 14.28 -6.14 -3.21
C VAL A 158 13.07 -7.09 -3.24
N GLY A 159 13.26 -8.31 -3.72
CA GLY A 159 12.17 -9.30 -3.80
C GLY A 159 11.25 -9.06 -5.00
N GLY A 160 10.14 -9.77 -5.06
CA GLY A 160 9.20 -9.63 -6.17
C GLY A 160 8.06 -8.67 -5.88
N TYR A 161 7.16 -8.54 -6.84
CA TYR A 161 6.05 -7.62 -6.71
C TYR A 161 4.89 -8.06 -7.59
N GLU A 162 3.71 -8.07 -6.97
CA GLU A 162 2.46 -8.44 -7.64
CA GLU A 162 2.48 -8.45 -7.64
C GLU A 162 2.20 -7.52 -8.83
N GLY A 163 2.65 -6.26 -8.74
CA GLY A 163 2.50 -5.30 -9.84
C GLY A 163 3.70 -5.17 -10.76
N GLY A 164 4.68 -6.06 -10.62
CA GLY A 164 5.84 -6.05 -11.52
C GLY A 164 7.03 -5.43 -10.83
N LEU A 165 8.18 -6.07 -10.98
CA LEU A 165 9.41 -5.63 -10.31
C LEU A 165 9.77 -4.19 -10.65
N ALA A 166 9.66 -3.83 -11.94
CA ALA A 166 10.01 -2.46 -12.34
C ALA A 166 9.19 -1.41 -11.63
N VAL A 167 7.90 -1.68 -11.41
CA VAL A 167 7.03 -0.75 -10.69
C VAL A 167 7.47 -0.63 -9.23
N LYS A 168 7.75 -1.76 -8.60
CA LYS A 168 8.23 -1.75 -7.21
C LYS A 168 9.50 -0.90 -7.11
N GLU A 169 10.46 -1.16 -8.00
CA GLU A 169 11.72 -0.41 -8.00
C GLU A 169 11.51 1.07 -8.31
N TRP A 170 10.57 1.40 -9.20
CA TRP A 170 10.27 2.80 -9.49
C TRP A 170 9.72 3.52 -8.26
N LEU A 171 8.78 2.89 -7.55
CA LEU A 171 8.19 3.48 -6.34
C LEU A 171 9.27 3.71 -5.26
N LEU A 172 10.17 2.74 -5.10
CA LEU A 172 11.25 2.90 -4.13
C LEU A 172 12.22 4.01 -4.54
N ALA A 173 12.43 4.18 -5.86
CA ALA A 173 13.25 5.30 -6.36
C ALA A 173 12.59 6.67 -6.12
N HIS A 174 11.29 6.73 -6.36
CA HIS A 174 10.47 7.90 -6.07
C HIS A 174 10.62 8.30 -4.59
N GLU A 175 10.81 7.29 -3.74
CA GLU A 175 10.90 7.52 -2.28
C GLU A 175 12.35 7.68 -1.83
N GLY A 176 13.28 7.64 -2.79
CA GLY A 176 14.69 7.90 -2.54
C GLY A 176 15.47 6.75 -1.94
N HIS A 177 14.88 5.56 -1.94
CA HIS A 177 15.49 4.40 -1.28
C HIS A 177 16.60 3.79 -2.11
N ARG A 178 17.64 3.36 -1.41
CA ARG A 178 18.78 2.66 -1.99
C ARG A 178 18.40 1.53 -2.94
N LEU A 179 17.34 0.80 -2.60
CA LEU A 179 16.90 -0.36 -3.38
C LEU A 179 16.06 0.04 -4.60
N GLY A 180 15.77 1.33 -4.73
CA GLY A 180 15.00 1.82 -5.89
C GLY A 180 15.83 1.88 -7.18
N LYS A 181 15.13 1.80 -8.30
CA LYS A 181 15.74 2.01 -9.61
C LYS A 181 14.70 2.70 -10.49
N ARG A 182 15.06 3.81 -11.14
CA ARG A 182 14.07 4.50 -11.99
C ARG A 182 13.91 3.79 -13.32
ZN ZN B . -17.84 -1.13 1.58
#